data_9D0U
#
_entry.id   9D0U
#
_cell.length_a   53.720
_cell.length_b   71.680
_cell.length_c   72.190
_cell.angle_alpha   90.00
_cell.angle_beta   90.00
_cell.angle_gamma   90.00
#
_symmetry.space_group_name_H-M   'P 21 21 21'
#
loop_
_entity.id
_entity.type
_entity.pdbx_description
1 polymer 'Cyclin-dependent kinase 2'
2 non-polymer 6-chloro-8-cyclopentyl-2-[4-(ethanesulfonyl)-2-methylanilino]pyrido[2,3-d]pyrimidin-7(8H)-one
3 water water
#
_entity_poly.entity_id   1
_entity_poly.type   'polypeptide(L)'
_entity_poly.pdbx_seq_one_letter_code
;MENFQKVEKIGEGTYGVVYKARNKLTGEVVALKKIRLDTETEGVPSTAIREISLLKELNHPNIVKLLDVIHTENKLYLVF
EFLHQDLKKFMDASALTGIPLPLIKSYLFQLLQGLAFCHSHRVLHRDLKPQNLLINTEGAIKLADFGLARAFGVPVRTYT
HEVVTLWYRAPEILLGCKYYSTAVDIWSLGCIFAEMVTRRALFPGDSEIDQLFRIFRTLGTPDEVVWPGVTSMPDYKPSF
PKWARQDFSKVVPPLDEDGRSLLSQMLHYDPNKRISAKAALAHPFFQDVTKPVPHLRL
;
_entity_poly.pdbx_strand_id   A
#
loop_
_chem_comp.id
_chem_comp.type
_chem_comp.name
_chem_comp.formula
A1A1H non-polymer 6-chloro-8-cyclopentyl-2-[4-(ethanesulfonyl)-2-methylanilino]pyrido[2,3-d]pyrimidin-7(8H)-one 'C21 H23 Cl N4 O3 S'
#
# COMPACT_ATOMS: atom_id res chain seq x y z
N MET A 1 -1.96 -16.17 22.67
CA MET A 1 -2.22 -16.86 23.93
C MET A 1 -2.68 -18.30 23.69
N GLU A 2 -2.70 -19.11 24.76
CA GLU A 2 -3.05 -20.52 24.63
C GLU A 2 -4.41 -20.73 23.99
N ASN A 3 -5.21 -19.67 23.90
CA ASN A 3 -6.48 -19.71 23.19
C ASN A 3 -6.30 -19.81 21.68
N PHE A 4 -5.08 -19.67 21.17
CA PHE A 4 -4.81 -19.73 19.74
C PHE A 4 -3.77 -20.80 19.45
N GLN A 5 -4.00 -21.56 18.38
CA GLN A 5 -3.12 -22.64 17.95
C GLN A 5 -2.46 -22.23 16.64
N LYS A 6 -1.15 -22.01 16.68
CA LYS A 6 -0.42 -21.58 15.50
C LYS A 6 -0.41 -22.71 14.47
N VAL A 7 -0.85 -22.40 13.25
CA VAL A 7 -0.89 -23.36 12.16
C VAL A 7 0.34 -23.25 11.27
N GLU A 8 0.65 -22.04 10.79
CA GLU A 8 1.78 -21.84 9.90
C GLU A 8 2.15 -20.37 9.89
N LYS A 9 3.43 -20.09 9.68
CA LYS A 9 3.91 -18.73 9.56
C LYS A 9 3.57 -18.21 8.17
N ILE A 10 2.70 -17.19 8.12
CA ILE A 10 2.26 -16.63 6.85
C ILE A 10 2.94 -15.32 6.51
N GLY A 11 3.81 -14.82 7.38
CA GLY A 11 4.48 -13.56 7.14
C GLY A 11 5.41 -13.23 8.27
N GLU A 12 6.12 -12.12 8.08
CA GLU A 12 7.14 -11.61 8.98
C GLU A 12 7.51 -10.21 8.49
N GLY A 13 7.82 -9.32 9.43
CA GLY A 13 8.08 -7.97 9.02
C GLY A 13 8.64 -7.04 10.06
N THR A 14 8.20 -5.79 10.01
CA THR A 14 8.59 -4.75 10.98
C THR A 14 8.24 -5.15 12.41
N TYR A 15 9.24 -5.63 13.15
CA TYR A 15 9.11 -6.01 14.56
C TYR A 15 7.98 -7.00 14.81
N GLY A 16 7.44 -7.59 13.76
CA GLY A 16 6.26 -8.42 13.87
C GLY A 16 6.30 -9.61 12.95
N VAL A 17 5.74 -10.71 13.44
CA VAL A 17 5.63 -11.95 12.70
C VAL A 17 4.17 -12.40 12.77
N VAL A 18 3.61 -12.79 11.62
CA VAL A 18 2.20 -13.12 11.50
C VAL A 18 2.05 -14.62 11.31
N TYR A 19 1.15 -15.22 12.08
CA TYR A 19 0.83 -16.63 11.95
C TYR A 19 -0.62 -16.80 11.52
N LYS A 20 -0.89 -17.92 10.86
CA LYS A 20 -2.25 -18.40 10.70
C LYS A 20 -2.65 -19.13 11.97
N ALA A 21 -3.64 -18.62 12.68
CA ALA A 21 -4.01 -19.14 13.97
C ALA A 21 -5.47 -19.61 13.97
N ARG A 22 -5.75 -20.58 14.83
CA ARG A 22 -7.10 -21.09 15.04
C ARG A 22 -7.48 -20.88 16.49
N ASN A 23 -8.53 -20.10 16.73
CA ASN A 23 -9.02 -19.88 18.09
C ASN A 23 -9.49 -21.21 18.67
N LYS A 24 -8.74 -21.74 19.65
CA LYS A 24 -9.06 -23.05 20.21
C LYS A 24 -10.44 -23.09 20.84
N LEU A 25 -11.01 -21.94 21.19
CA LEU A 25 -12.34 -21.87 21.80
C LEU A 25 -13.45 -21.81 20.75
N THR A 26 -13.34 -20.90 19.78
CA THR A 26 -14.38 -20.73 18.78
C THR A 26 -14.13 -21.49 17.48
N GLY A 27 -12.88 -21.88 17.21
CA GLY A 27 -12.55 -22.53 15.96
C GLY A 27 -12.31 -21.58 14.80
N GLU A 28 -12.33 -20.27 15.06
CA GLU A 28 -12.15 -19.28 14.01
C GLU A 28 -10.71 -19.27 13.52
N VAL A 29 -10.53 -19.24 12.21
CA VAL A 29 -9.23 -19.05 11.60
C VAL A 29 -8.96 -17.56 11.48
N VAL A 30 -7.87 -17.10 12.08
CA VAL A 30 -7.53 -15.69 12.15
C VAL A 30 -6.07 -15.50 11.77
N ALA A 31 -5.68 -14.24 11.65
CA ALA A 31 -4.29 -13.85 11.45
C ALA A 31 -3.78 -13.27 12.75
N LEU A 32 -2.73 -13.86 13.29
CA LEU A 32 -2.18 -13.49 14.59
C LEU A 32 -0.82 -12.84 14.39
N LYS A 33 -0.74 -11.53 14.61
CA LYS A 33 0.49 -10.78 14.49
C LYS A 33 1.11 -10.64 15.88
N LYS A 34 2.30 -11.20 16.05
CA LYS A 34 3.03 -11.12 17.32
C LYS A 34 4.03 -9.98 17.25
N ILE A 35 3.98 -9.08 18.23
CA ILE A 35 4.88 -7.95 18.32
C ILE A 35 5.53 -7.97 19.69
N ARG A 36 6.81 -8.28 19.75
CA ARG A 36 7.55 -8.27 21.00
C ARG A 36 7.75 -6.82 21.46
N LEU A 37 7.12 -6.47 22.58
CA LEU A 37 7.17 -5.10 23.11
C LEU A 37 8.26 -5.03 24.17
N ASP A 38 9.41 -4.47 23.81
CA ASP A 38 10.50 -4.27 24.76
C ASP A 38 11.39 -3.11 24.32
N VAL A 44 5.71 -1.76 25.70
CA VAL A 44 4.38 -1.20 25.95
C VAL A 44 4.42 0.32 25.86
N PRO A 45 3.93 0.86 24.73
CA PRO A 45 3.74 2.30 24.63
C PRO A 45 2.28 2.67 24.82
N SER A 46 1.96 3.37 25.91
CA SER A 46 0.56 3.69 26.20
C SER A 46 -0.08 4.46 25.07
N THR A 47 0.66 5.39 24.45
CA THR A 47 0.11 6.16 23.34
C THR A 47 -0.27 5.24 22.17
N ALA A 48 0.59 4.28 21.85
CA ALA A 48 0.37 3.44 20.68
C ALA A 48 -0.88 2.57 20.86
N ILE A 49 -1.02 1.93 22.03
CA ILE A 49 -2.13 1.00 22.23
C ILE A 49 -3.49 1.68 22.24
N ARG A 50 -3.53 3.02 22.30
CA ARG A 50 -4.78 3.73 22.05
C ARG A 50 -5.05 3.81 20.56
N GLU A 51 -4.07 4.30 19.78
CA GLU A 51 -4.26 4.38 18.33
C GLU A 51 -4.53 3.01 17.72
N ILE A 52 -3.97 1.95 18.31
CA ILE A 52 -4.32 0.60 17.87
C ILE A 52 -5.80 0.32 18.15
N SER A 53 -6.29 0.78 19.30
CA SER A 53 -7.70 0.62 19.64
C SER A 53 -8.59 1.51 18.77
N LEU A 54 -8.05 2.57 18.18
CA LEU A 54 -8.84 3.40 17.28
C LEU A 54 -8.99 2.76 15.91
N LEU A 55 -8.00 1.99 15.47
CA LEU A 55 -8.12 1.25 14.21
C LEU A 55 -9.05 0.05 14.32
N LYS A 56 -9.26 -0.45 15.54
CA LYS A 56 -10.31 -1.43 15.76
C LYS A 56 -11.69 -0.88 15.40
N GLU A 57 -11.87 0.45 15.39
CA GLU A 57 -13.15 1.02 14.96
C GLU A 57 -13.22 1.21 13.45
N LEU A 58 -12.09 1.23 12.75
CA LEU A 58 -12.10 1.30 11.30
C LEU A 58 -12.90 0.12 10.74
N ASN A 59 -13.94 0.43 9.96
CA ASN A 59 -14.91 -0.57 9.54
C ASN A 59 -15.33 -0.32 8.10
N HIS A 60 -14.82 -1.15 7.19
CA HIS A 60 -15.09 -0.97 5.77
C HIS A 60 -14.87 -2.30 5.06
N PRO A 61 -15.70 -2.65 4.07
CA PRO A 61 -15.53 -3.96 3.40
C PRO A 61 -14.19 -4.12 2.72
N ASN A 62 -13.44 -3.04 2.49
CA ASN A 62 -12.16 -3.12 1.81
C ASN A 62 -11.00 -2.89 2.78
N ILE A 63 -11.21 -3.14 4.07
CA ILE A 63 -10.16 -3.03 5.08
C ILE A 63 -10.18 -4.30 5.91
N VAL A 64 -9.02 -4.96 6.01
CA VAL A 64 -8.89 -6.14 6.86
C VAL A 64 -9.25 -5.75 8.28
N LYS A 65 -10.27 -6.40 8.83
CA LYS A 65 -10.77 -6.02 10.14
C LYS A 65 -9.80 -6.45 11.23
N LEU A 66 -9.47 -5.52 12.12
CA LEU A 66 -8.75 -5.83 13.35
C LEU A 66 -9.75 -6.36 14.37
N LEU A 67 -9.73 -7.67 14.61
CA LEU A 67 -10.74 -8.28 15.46
C LEU A 67 -10.50 -7.98 16.94
N ASP A 68 -9.30 -8.28 17.43
CA ASP A 68 -9.01 -8.13 18.85
C ASP A 68 -7.58 -7.62 19.04
N VAL A 69 -7.37 -6.94 20.17
CA VAL A 69 -6.05 -6.49 20.60
C VAL A 69 -5.78 -7.08 21.96
N ILE A 70 -4.73 -7.90 22.06
CA ILE A 70 -4.39 -8.61 23.27
C ILE A 70 -3.04 -8.12 23.76
N HIS A 71 -3.02 -7.54 24.95
CA HIS A 71 -1.77 -7.12 25.51
C HIS A 71 -1.48 -8.04 26.64
N THR A 72 -0.36 -8.71 26.54
CA THR A 72 0.00 -9.66 27.56
C THR A 72 1.50 -9.64 27.71
N GLU A 73 1.98 -9.04 28.78
CA GLU A 73 3.40 -9.00 29.06
C GLU A 73 4.16 -8.22 28.02
N ASN A 74 5.35 -8.68 27.73
CA ASN A 74 6.19 -8.01 26.75
C ASN A 74 5.77 -8.31 25.32
N LYS A 75 4.49 -8.61 25.12
CA LYS A 75 4.02 -8.93 23.79
C LYS A 75 2.67 -8.31 23.46
N LEU A 76 2.49 -7.92 22.20
CA LEU A 76 1.21 -7.39 21.75
C LEU A 76 0.74 -8.25 20.63
N TYR A 77 -0.30 -9.00 20.88
CA TYR A 77 -0.91 -9.86 19.88
C TYR A 77 -2.07 -9.14 19.21
N LEU A 78 -2.05 -9.09 17.88
CA LEU A 78 -3.10 -8.45 17.09
C LEU A 78 -3.80 -9.50 16.24
N VAL A 79 -5.09 -9.70 16.48
CA VAL A 79 -5.89 -10.69 15.77
C VAL A 79 -6.58 -10.00 14.61
N PHE A 80 -6.37 -10.51 13.41
CA PHE A 80 -6.94 -9.93 12.20
C PHE A 80 -7.82 -10.97 11.50
N GLU A 81 -8.69 -10.47 10.62
CA GLU A 81 -9.43 -11.33 9.71
C GLU A 81 -8.47 -11.99 8.73
N PHE A 82 -8.65 -13.27 8.49
CA PHE A 82 -7.71 -14.06 7.70
C PHE A 82 -8.14 -14.12 6.24
N LEU A 83 -7.17 -13.89 5.34
CA LEU A 83 -7.34 -14.10 3.91
C LEU A 83 -6.23 -15.02 3.41
N HIS A 84 -6.45 -15.63 2.25
CA HIS A 84 -5.59 -16.71 1.79
C HIS A 84 -4.46 -16.26 0.87
N GLN A 85 -4.61 -15.12 0.20
CA GLN A 85 -3.64 -14.72 -0.81
C GLN A 85 -3.56 -13.20 -0.85
N ASP A 86 -2.36 -12.69 -1.12
CA ASP A 86 -2.17 -11.26 -1.35
C ASP A 86 -1.99 -10.99 -2.84
N LEU A 87 -1.93 -9.70 -3.17
CA LEU A 87 -1.81 -9.31 -4.58
C LEU A 87 -0.46 -9.68 -5.16
N LYS A 88 0.58 -9.78 -4.33
CA LYS A 88 1.90 -10.16 -4.81
C LYS A 88 1.90 -11.60 -5.32
N LYS A 89 1.34 -12.54 -4.55
CA LYS A 89 1.25 -13.92 -5.01
C LYS A 89 0.36 -14.04 -6.24
N PHE A 90 -0.65 -13.18 -6.35
CA PHE A 90 -1.55 -13.24 -7.51
C PHE A 90 -0.88 -12.68 -8.76
N MET A 91 -0.10 -11.60 -8.60
CA MET A 91 0.60 -11.03 -9.75
C MET A 91 1.67 -11.98 -10.28
N ASP A 92 2.34 -12.70 -9.38
CA ASP A 92 3.33 -13.67 -9.81
C ASP A 92 2.67 -14.82 -10.57
N ALA A 93 1.53 -15.30 -10.08
CA ALA A 93 0.78 -16.35 -10.76
C ALA A 93 0.15 -15.88 -12.07
N SER A 94 0.25 -14.59 -12.38
CA SER A 94 -0.28 -14.04 -13.63
C SER A 94 0.79 -13.29 -14.41
N ALA A 95 2.07 -13.52 -14.09
CA ALA A 95 3.15 -12.81 -14.75
C ALA A 95 3.25 -13.17 -16.23
N LEU A 96 2.83 -14.39 -16.59
CA LEU A 96 2.88 -14.83 -17.99
C LEU A 96 1.62 -14.50 -18.76
N THR A 97 0.46 -14.52 -18.10
CA THR A 97 -0.80 -14.22 -18.78
C THR A 97 -1.21 -12.76 -18.63
N GLY A 98 -1.08 -12.20 -17.42
CA GLY A 98 -1.50 -10.83 -17.18
C GLY A 98 -2.89 -10.75 -16.58
N ILE A 99 -3.05 -9.98 -15.51
CA ILE A 99 -4.38 -9.79 -14.92
C ILE A 99 -5.25 -9.03 -15.91
N PRO A 100 -6.48 -9.48 -16.18
CA PRO A 100 -7.35 -8.76 -17.10
C PRO A 100 -7.70 -7.38 -16.57
N LEU A 101 -7.82 -6.42 -17.50
CA LEU A 101 -8.13 -5.05 -17.13
C LEU A 101 -9.43 -4.91 -16.32
N PRO A 102 -10.51 -5.65 -16.61
CA PRO A 102 -11.68 -5.55 -15.70
C PRO A 102 -11.35 -5.95 -14.27
N LEU A 103 -10.48 -6.94 -14.07
CA LEU A 103 -10.09 -7.30 -12.71
C LEU A 103 -9.19 -6.24 -12.11
N ILE A 104 -8.29 -5.67 -12.92
CA ILE A 104 -7.46 -4.57 -12.44
C ILE A 104 -8.32 -3.37 -12.07
N LYS A 105 -9.29 -3.03 -12.92
CA LYS A 105 -10.16 -1.89 -12.66
C LYS A 105 -11.00 -2.10 -11.41
N SER A 106 -11.54 -3.31 -11.22
CA SER A 106 -12.31 -3.59 -10.00
C SER A 106 -11.43 -3.46 -8.77
N TYR A 107 -10.22 -4.02 -8.83
CA TYR A 107 -9.31 -3.93 -7.69
C TYR A 107 -8.98 -2.48 -7.35
N LEU A 108 -8.56 -1.70 -8.36
CA LEU A 108 -8.21 -0.30 -8.11
C LEU A 108 -9.40 0.47 -7.56
N PHE A 109 -10.60 0.20 -8.07
CA PHE A 109 -11.80 0.85 -7.54
C PHE A 109 -12.02 0.49 -6.07
N GLN A 110 -11.86 -0.78 -5.73
CA GLN A 110 -12.09 -1.22 -4.35
C GLN A 110 -11.06 -0.64 -3.40
N LEU A 111 -9.79 -0.56 -3.82
CA LEU A 111 -8.76 0.02 -2.96
C LEU A 111 -8.98 1.51 -2.77
N LEU A 112 -9.47 2.21 -3.79
CA LEU A 112 -9.76 3.63 -3.63
C LEU A 112 -10.93 3.87 -2.69
N GLN A 113 -11.85 2.91 -2.59
CA GLN A 113 -12.95 3.06 -1.65
C GLN A 113 -12.45 2.93 -0.21
N GLY A 114 -11.64 1.90 0.06
CA GLY A 114 -11.07 1.76 1.39
C GLY A 114 -10.16 2.91 1.76
N LEU A 115 -9.40 3.42 0.78
CA LEU A 115 -8.58 4.60 1.04
C LEU A 115 -9.44 5.81 1.31
N ALA A 116 -10.54 5.97 0.57
CA ALA A 116 -11.44 7.10 0.81
C ALA A 116 -12.09 7.03 2.18
N PHE A 117 -12.26 5.81 2.71
CA PHE A 117 -12.84 5.66 4.04
C PHE A 117 -11.85 6.03 5.13
N CYS A 118 -10.61 5.52 5.02
N CYS A 118 -10.60 5.56 5.01
CA CYS A 118 -9.59 5.82 6.02
CA CYS A 118 -9.63 5.83 6.08
C CYS A 118 -9.22 7.29 6.02
C CYS A 118 -9.11 7.27 6.01
N HIS A 119 -9.06 7.87 4.83
CA HIS A 119 -8.64 9.27 4.74
C HIS A 119 -9.72 10.21 5.27
N SER A 120 -11.00 9.83 5.16
CA SER A 120 -12.05 10.64 5.77
C SER A 120 -11.97 10.58 7.29
N HIS A 121 -11.39 9.52 7.85
CA HIS A 121 -11.16 9.43 9.28
C HIS A 121 -9.76 9.88 9.67
N ARG A 122 -9.04 10.54 8.76
CA ARG A 122 -7.68 11.03 9.01
C ARG A 122 -6.74 9.89 9.39
N VAL A 123 -6.81 8.80 8.64
CA VAL A 123 -5.99 7.62 8.88
C VAL A 123 -5.18 7.35 7.63
N LEU A 124 -3.86 7.32 7.79
CA LEU A 124 -2.95 7.00 6.70
C LEU A 124 -2.57 5.53 6.75
N HIS A 125 -2.24 4.97 5.60
CA HIS A 125 -1.66 3.64 5.56
C HIS A 125 -0.13 3.68 5.56
N ARG A 126 0.47 4.68 4.92
CA ARG A 126 1.91 4.93 4.92
C ARG A 126 2.70 3.85 4.19
N ASP A 127 2.35 2.59 4.38
CA ASP A 127 3.17 1.49 3.85
C ASP A 127 2.39 0.61 2.88
N LEU A 128 1.83 1.22 1.83
CA LEU A 128 1.05 0.47 0.87
C LEU A 128 1.97 -0.30 -0.09
N LYS A 129 1.74 -1.60 -0.20
CA LYS A 129 2.52 -2.45 -1.08
C LYS A 129 1.67 -3.64 -1.48
N PRO A 130 2.01 -4.33 -2.57
CA PRO A 130 1.21 -5.48 -2.99
C PRO A 130 1.06 -6.57 -1.94
N GLN A 131 2.08 -6.78 -1.11
CA GLN A 131 1.98 -7.77 -0.04
C GLN A 131 0.95 -7.37 1.02
N ASN A 132 0.58 -6.10 1.08
CA ASN A 132 -0.39 -5.60 2.05
C ASN A 132 -1.81 -5.61 1.52
N LEU A 133 -2.04 -6.06 0.29
CA LEU A 133 -3.35 -6.05 -0.35
C LEU A 133 -3.81 -7.50 -0.47
N LEU A 134 -4.81 -7.86 0.32
CA LEU A 134 -5.28 -9.24 0.40
C LEU A 134 -6.52 -9.42 -0.46
N ILE A 135 -6.64 -10.59 -1.09
CA ILE A 135 -7.75 -10.90 -1.97
C ILE A 135 -8.38 -12.21 -1.55
N ASN A 136 -9.68 -12.34 -1.83
CA ASN A 136 -10.40 -13.59 -1.59
C ASN A 136 -10.89 -14.16 -2.92
N THR A 137 -11.68 -15.23 -2.84
CA THR A 137 -12.20 -15.86 -4.04
C THR A 137 -13.41 -15.12 -4.61
N GLU A 138 -14.08 -14.30 -3.81
CA GLU A 138 -15.27 -13.58 -4.23
C GLU A 138 -14.94 -12.29 -4.99
N GLY A 139 -13.67 -12.06 -5.33
CA GLY A 139 -13.28 -10.89 -6.08
C GLY A 139 -13.06 -9.63 -5.26
N ALA A 140 -13.01 -9.75 -3.94
CA ALA A 140 -12.78 -8.59 -3.09
C ALA A 140 -11.29 -8.43 -2.79
N ILE A 141 -10.89 -7.17 -2.58
CA ILE A 141 -9.53 -6.85 -2.18
C ILE A 141 -9.60 -5.88 -1.00
N LYS A 142 -8.71 -6.09 -0.02
CA LYS A 142 -8.74 -5.34 1.23
C LYS A 142 -7.36 -4.80 1.56
N LEU A 143 -7.33 -3.66 2.24
CA LEU A 143 -6.09 -3.09 2.75
C LEU A 143 -5.71 -3.77 4.06
N ALA A 144 -4.43 -4.12 4.19
CA ALA A 144 -3.93 -4.82 5.36
C ALA A 144 -2.67 -4.17 5.88
N ASP A 145 -2.42 -4.37 7.18
CA ASP A 145 -1.19 -3.97 7.86
C ASP A 145 -0.93 -2.48 7.69
N PHE A 146 -1.74 -1.69 8.38
CA PHE A 146 -1.59 -0.25 8.38
C PHE A 146 -0.39 0.16 9.23
N GLY A 147 0.40 1.10 8.71
CA GLY A 147 1.59 1.57 9.41
C GLY A 147 1.32 2.67 10.40
N LEU A 148 1.70 2.46 11.66
CA LEU A 148 1.51 3.48 12.69
C LEU A 148 2.50 4.62 12.46
N ALA A 149 2.15 5.80 12.97
CA ALA A 149 3.01 6.97 12.87
C ALA A 149 4.39 6.73 13.50
N ARG A 150 4.48 5.80 14.45
CA ARG A 150 5.76 5.44 15.04
C ARG A 150 5.72 3.96 15.40
N GLY A 153 8.89 -1.80 19.50
CA GLY A 153 9.23 -3.19 19.75
C GLY A 153 10.63 -3.54 19.27
N VAL A 154 11.05 -4.74 19.63
CA VAL A 154 12.37 -5.24 19.21
C VAL A 154 12.25 -5.81 17.81
N PRO A 155 13.12 -5.43 16.88
CA PRO A 155 13.08 -6.02 15.54
C PRO A 155 13.46 -7.49 15.57
N VAL A 156 12.81 -8.27 14.70
CA VAL A 156 13.14 -9.69 14.59
C VAL A 156 14.50 -9.85 13.94
N ARG A 157 15.35 -10.71 14.52
CA ARG A 157 16.69 -10.89 13.99
C ARG A 157 16.67 -11.66 12.67
N THR A 158 15.68 -12.54 12.47
CA THR A 158 15.54 -13.23 11.19
C THR A 158 15.25 -12.25 10.05
N TYR A 159 14.83 -11.02 10.39
CA TYR A 159 14.75 -9.90 9.46
C TYR A 159 13.67 -10.04 8.40
N THR A 160 13.21 -8.89 7.88
CA THR A 160 12.34 -8.83 6.72
C THR A 160 12.96 -7.99 5.61
N VAL A 163 12.84 -3.85 1.76
CA VAL A 163 13.39 -3.35 0.50
C VAL A 163 12.30 -2.92 -0.46
N VAL A 164 11.18 -3.64 -0.49
CA VAL A 164 10.12 -3.34 -1.46
C VAL A 164 9.19 -2.24 -0.97
N THR A 165 9.36 -1.82 0.27
CA THR A 165 8.59 -0.72 0.79
C THR A 165 9.06 0.51 0.08
N LEU A 166 10.35 0.53 -0.21
CA LEU A 166 10.96 1.68 -0.87
C LEU A 166 10.39 1.89 -2.27
N TRP A 167 10.03 0.81 -2.96
CA TRP A 167 9.55 0.90 -4.34
C TRP A 167 8.26 1.71 -4.45
N TYR A 168 7.51 1.89 -3.36
CA TYR A 168 6.23 2.58 -3.41
C TYR A 168 6.19 3.83 -2.54
N ARG A 169 7.33 4.34 -2.10
N ARG A 169 7.34 4.35 -2.13
CA ARG A 169 7.37 5.55 -1.31
CA ARG A 169 7.37 5.55 -1.30
C ARG A 169 7.13 6.77 -2.19
C ARG A 169 7.17 6.79 -2.15
N ALA A 170 6.30 7.69 -1.68
CA ALA A 170 6.07 8.95 -2.38
C ALA A 170 7.36 9.78 -2.38
N PRO A 171 7.53 10.66 -3.36
CA PRO A 171 8.74 11.49 -3.39
C PRO A 171 8.86 12.44 -2.21
N GLU A 172 7.73 12.84 -1.61
CA GLU A 172 7.78 13.76 -0.48
C GLU A 172 8.37 13.08 0.76
N ILE A 173 8.08 11.79 0.95
CA ILE A 173 8.71 11.06 2.05
C ILE A 173 10.20 10.89 1.81
N LEU A 174 10.58 10.63 0.55
CA LEU A 174 11.99 10.43 0.21
C LEU A 174 12.77 11.73 0.25
N LEU A 175 12.12 12.88 0.08
CA LEU A 175 12.77 14.16 0.17
C LEU A 175 12.79 14.71 1.59
N GLY A 176 12.34 13.95 2.57
CA GLY A 176 12.49 14.31 3.96
C GLY A 176 11.32 15.05 4.59
N CYS A 177 10.15 15.03 3.96
CA CYS A 177 8.97 15.63 4.60
C CYS A 177 8.63 14.84 5.86
N LYS A 178 8.46 15.56 6.97
CA LYS A 178 8.17 14.93 8.25
C LYS A 178 6.68 14.74 8.49
N TYR A 179 5.83 15.54 7.86
CA TYR A 179 4.39 15.54 8.08
C TYR A 179 3.71 15.03 6.81
N TYR A 180 3.35 13.75 6.82
CA TYR A 180 2.77 13.11 5.64
C TYR A 180 1.30 13.46 5.50
N SER A 181 0.85 13.53 4.26
CA SER A 181 -0.56 13.68 3.95
C SER A 181 -1.10 12.37 3.37
N THR A 182 -2.42 12.34 3.18
CA THR A 182 -3.07 11.20 2.54
C THR A 182 -2.57 10.95 1.12
N ALA A 183 -1.86 11.91 0.51
CA ALA A 183 -1.37 11.73 -0.84
C ALA A 183 -0.29 10.65 -0.94
N VAL A 184 0.38 10.33 0.16
CA VAL A 184 1.42 9.30 0.10
C VAL A 184 0.81 7.94 -0.22
N ASP A 185 -0.42 7.69 0.23
CA ASP A 185 -1.08 6.42 -0.07
C ASP A 185 -1.56 6.38 -1.52
N ILE A 186 -1.97 7.52 -2.06
CA ILE A 186 -2.40 7.58 -3.45
C ILE A 186 -1.23 7.31 -4.39
N TRP A 187 -0.04 7.81 -4.03
CA TRP A 187 1.15 7.56 -4.84
C TRP A 187 1.47 6.07 -4.88
N SER A 188 1.46 5.42 -3.71
CA SER A 188 1.74 4.00 -3.65
C SER A 188 0.73 3.21 -4.48
N LEU A 189 -0.53 3.61 -4.46
CA LEU A 189 -1.55 2.93 -5.25
C LEU A 189 -1.29 3.08 -6.74
N GLY A 190 -0.82 4.26 -7.16
CA GLY A 190 -0.48 4.45 -8.56
C GLY A 190 0.64 3.53 -9.01
N CYS A 191 1.65 3.32 -8.16
CA CYS A 191 2.71 2.39 -8.48
C CYS A 191 2.18 0.96 -8.58
N ILE A 192 1.30 0.58 -7.65
CA ILE A 192 0.68 -0.73 -7.72
C ILE A 192 -0.18 -0.86 -8.97
N PHE A 193 -0.91 0.20 -9.31
CA PHE A 193 -1.75 0.17 -10.51
C PHE A 193 -0.91 -0.09 -11.76
N ALA A 194 0.22 0.61 -11.90
CA ALA A 194 1.11 0.39 -13.03
C ALA A 194 1.73 -0.99 -13.02
N GLU A 195 2.04 -1.52 -11.83
CA GLU A 195 2.66 -2.84 -11.73
C GLU A 195 1.68 -3.93 -12.16
N MET A 196 0.39 -3.76 -11.86
CA MET A 196 -0.60 -4.74 -12.26
C MET A 196 -0.75 -4.78 -13.78
N VAL A 197 -0.63 -3.62 -14.44
CA VAL A 197 -0.84 -3.55 -15.87
C VAL A 197 0.36 -4.11 -16.63
N THR A 198 1.56 -3.64 -16.29
CA THR A 198 2.77 -4.01 -17.01
C THR A 198 3.41 -5.29 -16.50
N ARG A 199 2.97 -5.80 -15.34
CA ARG A 199 3.59 -6.96 -14.70
C ARG A 199 5.07 -6.71 -14.39
N ARG A 200 5.41 -5.46 -14.08
CA ARG A 200 6.76 -5.09 -13.71
C ARG A 200 6.68 -3.93 -12.72
N ALA A 201 7.65 -3.88 -11.80
CA ALA A 201 7.68 -2.79 -10.84
C ALA A 201 7.92 -1.46 -11.53
N LEU A 202 7.26 -0.41 -11.04
CA LEU A 202 7.36 0.89 -11.68
C LEU A 202 8.70 1.57 -11.36
N PHE A 203 9.05 1.67 -10.09
CA PHE A 203 10.33 2.23 -9.65
C PHE A 203 10.96 1.26 -8.68
N PRO A 204 11.64 0.23 -9.17
CA PRO A 204 12.31 -0.74 -8.28
C PRO A 204 13.71 -0.29 -7.88
N GLY A 205 13.77 0.68 -6.96
CA GLY A 205 15.05 1.22 -6.53
C GLY A 205 15.75 0.33 -5.51
N ASP A 206 17.07 0.56 -5.38
CA ASP A 206 17.88 -0.17 -4.42
C ASP A 206 18.26 0.65 -3.20
N SER A 207 18.31 1.96 -3.30
CA SER A 207 18.59 2.84 -2.18
C SER A 207 17.58 3.98 -2.18
N GLU A 208 17.67 4.83 -1.16
CA GLU A 208 16.78 5.99 -1.09
C GLU A 208 17.02 6.93 -2.26
N ILE A 209 18.27 7.05 -2.72
CA ILE A 209 18.57 7.96 -3.81
C ILE A 209 18.35 7.31 -5.17
N ASP A 210 18.52 5.99 -5.28
CA ASP A 210 18.19 5.30 -6.52
C ASP A 210 16.68 5.29 -6.73
N GLN A 211 15.91 5.13 -5.65
CA GLN A 211 14.46 5.25 -5.76
C GLN A 211 14.07 6.63 -6.24
N LEU A 212 14.68 7.67 -5.66
CA LEU A 212 14.43 9.04 -6.11
C LEU A 212 14.84 9.23 -7.57
N PHE A 213 16.02 8.73 -7.95
CA PHE A 213 16.50 8.99 -9.30
C PHE A 213 15.76 8.16 -10.34
N ARG A 214 15.25 6.98 -9.97
CA ARG A 214 14.41 6.22 -10.89
C ARG A 214 13.09 6.94 -11.16
N ILE A 215 12.54 7.60 -10.14
CA ILE A 215 11.36 8.43 -10.34
C ILE A 215 11.70 9.64 -11.20
N PHE A 216 12.86 10.27 -10.95
CA PHE A 216 13.27 11.43 -11.74
C PHE A 216 13.47 11.05 -13.20
N ARG A 217 14.08 9.89 -13.45
CA ARG A 217 14.35 9.47 -14.83
C ARG A 217 13.06 9.29 -15.63
N THR A 218 11.98 8.95 -14.95
CA THR A 218 10.69 8.68 -15.60
C THR A 218 9.82 9.94 -15.67
N LEU A 219 9.53 10.55 -14.53
CA LEU A 219 8.62 11.68 -14.45
C LEU A 219 9.32 13.03 -14.58
N GLY A 220 10.64 13.04 -14.79
CA GLY A 220 11.37 14.29 -14.87
C GLY A 220 11.81 14.78 -13.49
N THR A 221 12.90 15.51 -13.42
CA THR A 221 13.32 16.07 -12.13
C THR A 221 12.40 17.22 -11.76
N PRO A 222 11.80 17.22 -10.58
CA PRO A 222 10.87 18.29 -10.23
C PRO A 222 11.59 19.59 -9.94
N ASP A 223 10.87 20.69 -10.20
CA ASP A 223 11.38 22.04 -9.94
C ASP A 223 10.31 22.86 -9.23
N GLU A 224 10.54 24.17 -9.07
CA GLU A 224 9.53 25.02 -8.45
C GLU A 224 8.34 25.28 -9.35
N VAL A 225 8.42 24.90 -10.62
CA VAL A 225 7.30 25.08 -11.54
C VAL A 225 6.18 24.08 -11.26
N VAL A 226 6.51 22.79 -11.31
CA VAL A 226 5.50 21.76 -11.09
C VAL A 226 5.29 21.43 -9.62
N TRP A 227 6.29 21.68 -8.78
CA TRP A 227 6.20 21.40 -7.35
C TRP A 227 6.76 22.59 -6.57
N PRO A 228 5.92 23.60 -6.30
CA PRO A 228 6.41 24.79 -5.58
C PRO A 228 6.79 24.45 -4.15
N GLY A 229 8.04 24.73 -3.80
CA GLY A 229 8.56 24.42 -2.49
C GLY A 229 9.38 23.15 -2.40
N VAL A 230 9.65 22.50 -3.53
CA VAL A 230 10.43 21.27 -3.51
C VAL A 230 11.90 21.56 -3.20
N THR A 231 12.39 22.73 -3.61
CA THR A 231 13.79 23.06 -3.36
C THR A 231 14.06 23.40 -1.91
N SER A 232 13.01 23.66 -1.13
CA SER A 232 13.14 23.95 0.29
C SER A 232 12.93 22.70 1.16
N MET A 233 12.82 21.53 0.54
CA MET A 233 12.61 20.30 1.27
C MET A 233 13.93 19.84 1.90
N PRO A 234 13.86 19.16 3.04
CA PRO A 234 15.10 18.86 3.80
C PRO A 234 16.14 18.05 3.03
N ASP A 235 15.76 16.92 2.46
CA ASP A 235 16.72 16.07 1.75
C ASP A 235 16.90 16.47 0.28
N TYR A 236 16.31 17.59 -0.14
CA TYR A 236 16.56 18.06 -1.49
C TYR A 236 17.98 18.62 -1.62
N LYS A 237 18.57 18.43 -2.80
CA LYS A 237 19.91 18.90 -3.08
C LYS A 237 19.92 19.61 -4.44
N PRO A 238 20.41 20.84 -4.51
CA PRO A 238 20.51 21.52 -5.82
C PRO A 238 21.33 20.76 -6.83
N SER A 239 22.17 19.82 -6.39
CA SER A 239 23.03 19.04 -7.27
C SER A 239 22.34 17.80 -7.83
N PHE A 240 21.01 17.74 -7.78
CA PHE A 240 20.30 16.64 -8.41
C PHE A 240 20.46 16.70 -9.92
N PRO A 241 20.65 15.56 -10.59
CA PRO A 241 20.63 15.57 -12.06
C PRO A 241 19.26 16.02 -12.56
N LYS A 242 19.28 16.70 -13.71
CA LYS A 242 18.07 17.23 -14.33
C LYS A 242 17.71 16.33 -15.51
N TRP A 243 16.84 15.36 -15.26
CA TRP A 243 16.37 14.45 -16.28
C TRP A 243 15.05 14.94 -16.89
N ALA A 244 14.84 14.57 -18.14
CA ALA A 244 13.61 14.93 -18.84
C ALA A 244 12.51 13.91 -18.57
N ARG A 245 11.27 14.39 -18.54
CA ARG A 245 10.12 13.52 -18.33
C ARG A 245 9.88 12.65 -19.55
N GLN A 246 9.63 11.36 -19.32
N GLN A 246 9.64 11.36 -19.32
CA GLN A 246 9.35 10.44 -20.40
CA GLN A 246 9.34 10.42 -20.39
C GLN A 246 7.85 10.40 -20.70
C GLN A 246 7.85 10.42 -20.70
N ASP A 247 7.51 9.89 -21.88
CA ASP A 247 6.12 9.79 -22.28
C ASP A 247 5.41 8.70 -21.48
N PHE A 248 4.17 8.97 -21.09
CA PHE A 248 3.40 8.01 -20.31
C PHE A 248 3.03 6.78 -21.13
N SER A 249 3.00 6.90 -22.45
CA SER A 249 2.73 5.74 -23.30
C SER A 249 3.85 4.72 -23.27
N LYS A 250 5.05 5.11 -22.80
CA LYS A 250 6.13 4.18 -22.57
C LYS A 250 6.11 3.58 -21.17
N VAL A 251 5.46 4.24 -20.22
CA VAL A 251 5.43 3.74 -18.84
C VAL A 251 4.48 2.55 -18.73
N VAL A 252 3.24 2.72 -19.18
CA VAL A 252 2.23 1.66 -19.14
C VAL A 252 1.69 1.45 -20.55
N PRO A 253 2.42 0.74 -21.42
CA PRO A 253 2.12 0.78 -22.86
C PRO A 253 0.94 -0.09 -23.28
N PRO A 254 0.27 -0.85 -22.39
CA PRO A 254 -1.05 -1.37 -22.79
C PRO A 254 -2.21 -0.45 -22.45
N LEU A 255 -2.07 0.35 -21.40
CA LEU A 255 -3.22 1.01 -20.77
C LEU A 255 -3.85 2.06 -21.70
N ASP A 256 -5.15 2.26 -21.54
CA ASP A 256 -5.91 3.21 -22.33
C ASP A 256 -5.69 4.64 -21.81
N GLU A 257 -6.23 5.60 -22.55
CA GLU A 257 -6.03 7.01 -22.21
C GLU A 257 -6.64 7.34 -20.85
N ASP A 258 -7.80 6.75 -20.54
CA ASP A 258 -8.44 7.00 -19.25
C ASP A 258 -7.57 6.55 -18.09
N GLY A 259 -7.00 5.35 -18.18
CA GLY A 259 -6.13 4.87 -17.14
C GLY A 259 -4.84 5.68 -17.04
N ARG A 260 -4.21 5.95 -18.19
CA ARG A 260 -3.00 6.77 -18.19
C ARG A 260 -3.29 8.16 -17.63
N SER A 261 -4.47 8.70 -17.94
CA SER A 261 -4.88 9.96 -17.34
C SER A 261 -5.02 9.82 -15.82
N LEU A 262 -5.78 8.83 -15.37
CA LEU A 262 -5.93 8.61 -13.93
C LEU A 262 -4.59 8.33 -13.27
N LEU A 263 -3.75 7.50 -13.90
CA LEU A 263 -2.46 7.18 -13.29
C LEU A 263 -1.57 8.42 -13.18
N SER A 264 -1.66 9.34 -14.16
N SER A 264 -1.66 9.34 -14.16
CA SER A 264 -0.83 10.54 -14.12
CA SER A 264 -0.84 10.54 -14.13
C SER A 264 -1.22 11.46 -12.98
C SER A 264 -1.23 11.46 -12.99
N GLN A 265 -2.50 11.47 -12.59
CA GLN A 265 -2.94 12.31 -11.48
C GLN A 265 -2.53 11.72 -10.13
N MET A 266 -2.49 10.39 -10.02
CA MET A 266 -1.99 9.79 -8.79
C MET A 266 -0.47 9.86 -8.68
N LEU A 267 0.23 10.13 -9.77
CA LEU A 267 1.69 10.22 -9.75
C LEU A 267 2.18 11.66 -9.84
N HIS A 268 1.35 12.62 -9.45
CA HIS A 268 1.77 14.01 -9.45
C HIS A 268 2.84 14.24 -8.38
N TYR A 269 3.83 15.06 -8.72
CA TYR A 269 4.90 15.36 -7.76
C TYR A 269 4.36 16.15 -6.58
N ASP A 270 3.62 17.22 -6.85
CA ASP A 270 3.05 18.04 -5.79
C ASP A 270 1.96 17.24 -5.08
N PRO A 271 2.09 16.95 -3.78
CA PRO A 271 1.02 16.21 -3.08
C PRO A 271 -0.29 16.98 -3.05
N ASN A 272 -0.23 18.30 -3.16
CA ASN A 272 -1.46 19.09 -3.18
C ASN A 272 -2.16 19.01 -4.53
N LYS A 273 -1.44 18.69 -5.59
CA LYS A 273 -2.05 18.46 -6.90
C LYS A 273 -2.43 17.00 -7.13
N ARG A 274 -1.91 16.08 -6.32
CA ARG A 274 -2.26 14.68 -6.48
C ARG A 274 -3.74 14.46 -6.21
N ILE A 275 -4.35 13.57 -6.98
CA ILE A 275 -5.79 13.34 -6.88
C ILE A 275 -6.11 12.63 -5.57
N SER A 276 -7.25 12.97 -4.97
CA SER A 276 -7.68 12.30 -3.77
C SER A 276 -8.39 10.99 -4.11
N ALA A 277 -8.51 10.12 -3.10
CA ALA A 277 -9.24 8.87 -3.29
C ALA A 277 -10.70 9.14 -3.66
N LYS A 278 -11.30 10.15 -3.05
CA LYS A 278 -12.69 10.49 -3.35
C LYS A 278 -12.85 10.94 -4.80
N ALA A 279 -12.00 11.87 -5.24
CA ALA A 279 -12.08 12.35 -6.62
C ALA A 279 -11.74 11.26 -7.63
N ALA A 280 -10.83 10.35 -7.27
CA ALA A 280 -10.45 9.30 -8.20
C ALA A 280 -11.62 8.37 -8.50
N LEU A 281 -12.50 8.15 -7.53
CA LEU A 281 -13.66 7.30 -7.73
C LEU A 281 -14.60 7.83 -8.80
N ALA A 282 -14.58 9.13 -9.06
CA ALA A 282 -15.43 9.74 -10.08
C ALA A 282 -14.73 9.85 -11.43
N HIS A 283 -13.53 9.28 -11.57
CA HIS A 283 -12.83 9.34 -12.84
C HIS A 283 -13.55 8.51 -13.89
N PRO A 284 -13.63 8.99 -15.13
CA PRO A 284 -14.33 8.22 -16.17
C PRO A 284 -13.75 6.85 -16.43
N PHE A 285 -12.54 6.56 -15.94
CA PHE A 285 -11.96 5.23 -16.09
C PHE A 285 -12.81 4.16 -15.42
N PHE A 286 -13.56 4.53 -14.39
CA PHE A 286 -14.46 3.62 -13.69
C PHE A 286 -15.90 3.75 -14.16
N GLN A 287 -16.11 4.21 -15.40
CA GLN A 287 -17.46 4.30 -15.93
C GLN A 287 -18.08 2.92 -16.06
N ASP A 288 -17.35 1.96 -16.62
CA ASP A 288 -17.82 0.60 -16.83
C ASP A 288 -17.19 -0.37 -15.82
N VAL A 289 -16.98 0.09 -14.59
CA VAL A 289 -16.34 -0.76 -13.60
C VAL A 289 -17.31 -1.86 -13.17
N THR A 290 -16.81 -3.09 -13.11
CA THR A 290 -17.61 -4.22 -12.65
C THR A 290 -16.86 -4.92 -11.52
N LYS A 291 -17.29 -6.13 -11.15
CA LYS A 291 -16.63 -6.91 -10.11
C LYS A 291 -16.46 -8.35 -10.61
N PRO A 292 -15.41 -8.61 -11.36
CA PRO A 292 -15.13 -10.00 -11.77
C PRO A 292 -14.52 -10.79 -10.63
N VAL A 293 -14.51 -12.11 -10.81
CA VAL A 293 -13.92 -13.01 -9.82
C VAL A 293 -12.54 -13.43 -10.33
N PRO A 294 -11.58 -13.64 -9.45
CA PRO A 294 -10.27 -14.13 -9.87
C PRO A 294 -10.27 -15.65 -9.95
N HIS A 295 -9.15 -16.17 -10.42
CA HIS A 295 -8.92 -17.62 -10.47
C HIS A 295 -7.78 -17.91 -9.48
N LEU A 296 -8.15 -18.10 -8.22
CA LEU A 296 -7.18 -18.32 -7.16
C LEU A 296 -6.95 -19.81 -6.93
N ARG A 297 -5.72 -20.15 -6.58
CA ARG A 297 -5.34 -21.51 -6.21
C ARG A 297 -4.90 -21.46 -4.76
N LEU A 298 -5.86 -21.66 -3.85
CA LEU A 298 -5.58 -21.64 -2.42
C LEU A 298 -5.04 -22.98 -1.97
N1 A1A1H B . -3.14 -14.39 4.80
N3 A1A1H B . -1.39 -10.46 6.71
C4 A1A1H B . -0.90 -16.03 2.41
C5 A1A1H B . -1.77 -15.83 3.45
C6 A1A1H B . -2.21 -17.01 4.29
C7 A1A1H B . -2.24 -14.55 3.74
C8 A1A1H B . -3.28 -13.26 5.60
C10 A1A1H B . -3.65 -11.13 7.17
C13 A1A1H B . -1.55 -9.38 7.50
C15 A1A1H B . 0.22 -9.63 4.97
C17 A1A1H B . 2.26 -10.25 6.16
C20 A1A1H B . -1.84 -13.49 2.95
C21 A1A1H B . -0.95 -13.70 1.90
C1 A1A1H B . 2.48 -15.02 2.30
C11 A1A1H B . -3.82 -9.97 8.03
C12 A1A1H B . -2.77 -9.13 8.18
C14 A1A1H B . -0.13 -10.74 5.98
C16 A1A1H B . 1.58 -9.06 5.42
C18 A1A1H B . 1.09 -10.92 6.92
C19 A1A1H B . -2.41 -11.34 6.53
C2 A1A1H B . 2.22 -14.60 0.86
C3 A1A1H B . -0.49 -14.97 1.63
C9 A1A1H B . -4.69 -12.06 6.97
N2 A1A1H B . -4.45 -13.09 6.20
N4 A1A1H B . -2.27 -12.42 5.76
O1 A1A1H B . 0.67 -16.69 0.23
O2 A1A1H B . 0.10 -14.50 -0.78
O3 A1A1H B . -0.65 -8.56 7.69
S A1A1H B . 0.63 -15.27 0.30
CL A1A1H B . -2.91 -7.72 9.18
#